data_3O5Z
#
_entry.id   3O5Z
#
_cell.length_a   46.010
_cell.length_b   57.790
_cell.length_c   62.970
_cell.angle_alpha   90.000
_cell.angle_beta   90.000
_cell.angle_gamma   90.000
#
_symmetry.space_group_name_H-M   'P 21 21 21'
#
loop_
_entity.id
_entity.type
_entity.pdbx_description
1 polymer 'Phosphatidylinositol 3-kinase regulatory subunit beta'
2 non-polymer 'CHLORIDE ION'
3 non-polymer (4S)-2-METHYL-2,4-PENTANEDIOL
4 water water
#
_entity_poly.entity_id   1
_entity_poly.type   'polypeptide(L)'
_entity_poly.pdbx_seq_one_letter_code
;GPLGSMAGPEGFQYRALYPFRRERPEDLELLPGDVLVVSRAALQALGVAEGGERCPQSVGWMPGLNERTRQRGDFPGTYV
EFLGPVALAR
;
_entity_poly.pdbx_strand_id   A,B
#
# COMPACT_ATOMS: atom_id res chain seq x y z
N GLY A 8 9.12 0.59 -25.63
CA GLY A 8 8.69 1.77 -24.83
C GLY A 8 9.54 1.95 -23.57
N PRO A 9 9.34 3.07 -22.85
CA PRO A 9 10.06 3.50 -21.63
C PRO A 9 9.83 2.59 -20.40
N GLU A 10 10.89 2.37 -19.63
CA GLU A 10 10.82 1.52 -18.43
C GLU A 10 10.21 2.27 -17.25
N GLY A 11 10.10 3.57 -17.37
CA GLY A 11 9.62 4.32 -16.22
C GLY A 11 9.15 5.67 -16.59
N PHE A 12 8.66 6.35 -15.56
CA PHE A 12 8.06 7.67 -15.64
C PHE A 12 8.49 8.50 -14.46
N GLN A 13 8.63 9.79 -14.73
CA GLN A 13 8.97 10.74 -13.68
C GLN A 13 7.85 11.64 -13.38
N TYR A 14 7.73 11.92 -12.10
CA TYR A 14 6.76 12.87 -11.55
C TYR A 14 7.44 13.92 -10.67
N ARG A 15 6.77 15.03 -10.44
CA ARG A 15 7.34 16.01 -9.51
C ARG A 15 6.35 16.33 -8.44
N ALA A 16 6.73 16.23 -7.17
CA ALA A 16 5.73 16.46 -6.10
C ALA A 16 5.35 17.94 -6.12
N LEU A 17 4.09 18.30 -5.88
CA LEU A 17 3.72 19.76 -5.89
C LEU A 17 3.24 20.27 -4.52
N TYR A 18 3.15 19.34 -3.57
CA TYR A 18 2.39 19.48 -2.36
C TYR A 18 3.00 18.48 -1.35
N PRO A 19 3.24 18.89 -0.08
CA PRO A 19 3.93 17.99 0.87
C PRO A 19 2.99 16.85 1.27
N PHE A 20 3.53 15.66 1.43
CA PHE A 20 2.78 14.51 1.90
C PHE A 20 3.52 13.93 3.12
N ARG A 21 2.82 13.88 4.24
CA ARG A 21 3.32 13.21 5.45
C ARG A 21 2.88 11.76 5.51
N ARG A 22 3.81 10.84 5.78
CA ARG A 22 3.54 9.42 5.69
C ARG A 22 2.37 9.18 6.63
N GLU A 23 1.43 8.33 6.23
CA GLU A 23 0.32 7.86 7.12
C GLU A 23 0.63 6.42 7.54
N ARG A 24 1.13 5.62 6.61
CA ARG A 24 1.36 4.19 6.84
C ARG A 24 2.83 3.80 6.78
N PRO A 25 3.19 2.67 7.42
CA PRO A 25 4.57 2.23 7.41
C PRO A 25 5.13 2.31 5.97
N GLU A 26 4.33 1.95 4.98
CA GLU A 26 4.87 1.83 3.61
C GLU A 26 4.77 3.09 2.78
N ASP A 27 4.28 4.18 3.38
CA ASP A 27 4.13 5.42 2.65
C ASP A 27 5.49 6.02 2.35
N LEU A 28 5.53 6.91 1.35
CA LEU A 28 6.73 7.60 0.92
C LEU A 28 6.55 9.12 1.22
N GLU A 29 7.45 9.69 2.02
CA GLU A 29 7.33 11.11 2.38
C GLU A 29 7.61 11.99 1.16
N LEU A 30 6.83 13.09 0.97
CA LEU A 30 7.06 14.01 -0.20
C LEU A 30 7.25 15.42 0.30
N LEU A 31 8.12 16.18 -0.37
CA LEU A 31 8.14 17.64 -0.20
C LEU A 31 8.02 18.20 -1.60
N PRO A 32 7.48 19.42 -1.74
CA PRO A 32 7.33 20.02 -3.05
C PRO A 32 8.69 20.05 -3.73
N GLY A 33 8.72 19.68 -5.02
CA GLY A 33 9.91 19.69 -5.87
C GLY A 33 10.66 18.36 -5.99
N ASP A 34 10.38 17.44 -5.06
CA ASP A 34 10.81 16.06 -5.16
C ASP A 34 10.44 15.40 -6.48
N VAL A 35 11.45 14.86 -7.16
CA VAL A 35 11.29 14.05 -8.40
C VAL A 35 11.11 12.57 -7.96
N LEU A 36 9.99 11.96 -8.39
CA LEU A 36 9.71 10.55 -8.11
C LEU A 36 9.85 9.74 -9.37
N VAL A 37 10.45 8.56 -9.33
CA VAL A 37 10.43 7.66 -10.51
C VAL A 37 9.48 6.49 -10.23
N VAL A 38 8.57 6.19 -11.16
CA VAL A 38 7.67 5.06 -11.03
C VAL A 38 7.97 4.13 -12.21
N SER A 39 8.04 2.83 -11.98
CA SER A 39 8.43 1.91 -13.08
C SER A 39 7.20 1.53 -13.85
N ARG A 40 7.31 1.30 -15.14
CA ARG A 40 6.16 0.81 -15.92
C ARG A 40 5.63 -0.53 -15.39
N ALA A 41 6.53 -1.40 -14.94
CA ALA A 41 6.13 -2.69 -14.42
C ALA A 41 5.17 -2.47 -13.28
N ALA A 42 5.46 -1.48 -12.40
CA ALA A 42 4.63 -1.25 -11.22
C ALA A 42 3.21 -0.75 -11.58
N LEU A 43 3.10 0.25 -12.46
CA LEU A 43 1.77 0.62 -13.02
C LEU A 43 1.05 -0.53 -13.72
N GLN A 44 1.70 -1.26 -14.61
CA GLN A 44 1.02 -2.43 -15.16
C GLN A 44 0.45 -3.33 -14.08
N ALA A 45 1.24 -3.58 -13.04
CA ALA A 45 0.86 -4.49 -11.97
C ALA A 45 -0.36 -4.02 -11.17
N LEU A 46 -0.57 -2.71 -11.10
CA LEU A 46 -1.77 -2.12 -10.52
C LEU A 46 -2.96 -2.06 -11.48
N GLY A 47 -2.77 -2.53 -12.72
CA GLY A 47 -3.78 -2.43 -13.75
C GLY A 47 -4.05 -1.06 -14.34
N VAL A 48 -3.12 -0.14 -14.22
CA VAL A 48 -3.18 1.10 -15.00
C VAL A 48 -3.10 0.84 -16.52
N ALA A 49 -4.12 1.32 -17.23
CA ALA A 49 -4.25 1.07 -18.67
C ALA A 49 -3.19 1.90 -19.37
N GLU A 50 -2.72 1.48 -20.57
CA GLU A 50 -1.63 2.22 -21.29
C GLU A 50 -1.89 3.72 -21.50
N GLY A 51 -0.92 4.54 -21.10
CA GLY A 51 -1.08 6.01 -21.14
C GLY A 51 -1.78 6.65 -19.95
N GLY A 52 -2.35 5.84 -19.05
CA GLY A 52 -2.92 6.40 -17.82
C GLY A 52 -1.89 6.99 -16.87
N GLU A 53 -0.61 6.71 -17.15
CA GLU A 53 0.46 7.27 -16.37
C GLU A 53 0.45 8.77 -16.50
N ARG A 54 -0.18 9.32 -17.54
CA ARG A 54 -0.19 10.76 -17.82
C ARG A 54 -1.19 11.44 -16.93
N CYS A 55 -2.03 10.67 -16.26
CA CYS A 55 -3.01 11.31 -15.33
C CYS A 55 -2.81 10.74 -13.92
N PRO A 56 -1.77 11.22 -13.21
CA PRO A 56 -1.56 10.63 -11.88
C PRO A 56 -2.72 10.83 -10.89
N GLN A 57 -3.49 11.91 -11.08
CA GLN A 57 -4.66 12.11 -10.22
C GLN A 57 -5.68 10.93 -10.33
N SER A 58 -5.57 10.15 -11.38
CA SER A 58 -6.51 9.09 -11.68
C SER A 58 -5.92 7.76 -11.28
N VAL A 59 -4.61 7.66 -11.38
CA VAL A 59 -3.95 6.42 -10.91
C VAL A 59 -4.23 6.24 -9.39
N GLY A 60 -4.27 7.33 -8.63
CA GLY A 60 -4.39 7.21 -7.19
C GLY A 60 -3.00 6.95 -6.59
N TRP A 61 -2.85 5.91 -5.80
CA TRP A 61 -1.60 5.73 -5.07
C TRP A 61 -0.70 4.89 -5.93
N MET A 62 0.58 5.18 -5.87
CA MET A 62 1.62 4.59 -6.73
C MET A 62 2.87 4.28 -5.90
N PRO A 63 3.56 3.18 -6.22
CA PRO A 63 4.84 2.96 -5.58
C PRO A 63 6.00 3.55 -6.39
N GLY A 64 7.01 3.99 -5.69
CA GLY A 64 7.97 4.87 -6.39
C GLY A 64 9.23 5.19 -5.61
N LEU A 65 10.22 5.65 -6.35
CA LEU A 65 11.47 6.07 -5.75
C LEU A 65 11.46 7.57 -5.70
N ASN A 66 11.71 8.11 -4.50
CA ASN A 66 11.90 9.53 -4.32
C ASN A 66 13.38 9.80 -4.41
N GLU A 67 13.77 10.59 -5.40
CA GLU A 67 15.20 10.79 -5.64
C GLU A 67 15.99 11.63 -4.64
N ARG A 68 15.30 12.55 -3.96
CA ARG A 68 15.94 13.37 -2.90
C ARG A 68 16.24 12.49 -1.66
N THR A 69 15.25 11.72 -1.22
CA THR A 69 15.41 10.96 0.04
C THR A 69 16.09 9.65 -0.27
N ARG A 70 15.88 9.15 -1.46
CA ARG A 70 16.36 7.86 -1.81
C ARG A 70 15.50 6.74 -1.30
N GLN A 71 14.36 7.06 -0.75
CA GLN A 71 13.44 6.03 -0.19
C GLN A 71 12.51 5.54 -1.28
N ARG A 72 11.90 4.36 -1.06
CA ARG A 72 10.82 3.86 -1.90
C ARG A 72 9.52 3.75 -1.06
N GLY A 73 8.36 3.75 -1.71
CA GLY A 73 7.11 3.46 -0.97
C GLY A 73 5.93 4.10 -1.71
N ASP A 74 4.77 4.11 -1.08
CA ASP A 74 3.56 4.53 -1.82
C ASP A 74 3.30 5.99 -1.59
N PHE A 75 2.83 6.70 -2.62
CA PHE A 75 2.47 8.14 -2.52
C PHE A 75 1.24 8.46 -3.37
N PRO A 76 0.52 9.57 -3.06
CA PRO A 76 -0.72 9.87 -3.77
C PRO A 76 -0.49 10.56 -5.08
N GLY A 77 -1.01 10.01 -6.18
CA GLY A 77 -0.77 10.72 -7.53
C GLY A 77 -1.42 12.07 -7.63
N THR A 78 -2.44 12.31 -6.82
CA THR A 78 -3.04 13.63 -6.87
C THR A 78 -2.07 14.71 -6.28
N TYR A 79 -0.97 14.32 -5.63
CA TYR A 79 0.00 15.35 -5.14
C TYR A 79 1.13 15.68 -6.11
N VAL A 80 1.08 15.23 -7.33
CA VAL A 80 2.25 15.29 -8.21
C VAL A 80 1.81 15.60 -9.63
N GLU A 81 2.73 16.10 -10.47
CA GLU A 81 2.49 16.29 -11.87
C GLU A 81 3.37 15.30 -12.66
N PHE A 82 2.87 14.85 -13.80
CA PHE A 82 3.61 13.94 -14.66
C PHE A 82 4.71 14.78 -15.36
N LEU A 83 5.94 14.29 -15.50
CA LEU A 83 7.00 15.04 -16.19
C LEU A 83 7.29 14.44 -17.58
N GLY A 84 7.12 13.13 -17.71
CA GLY A 84 7.47 12.40 -18.97
C GLY A 84 8.21 11.09 -18.66
N PRO A 85 8.62 10.33 -19.69
CA PRO A 85 9.27 9.05 -19.59
C PRO A 85 10.78 9.17 -19.24
N VAL A 86 11.34 8.13 -18.64
CA VAL A 86 12.77 8.07 -18.30
C VAL A 86 13.35 6.66 -18.43
N ALA A 87 14.67 6.63 -18.50
CA ALA A 87 15.50 5.49 -18.20
C ALA A 87 15.54 5.31 -16.67
N LEU A 88 15.72 4.06 -16.23
CA LEU A 88 15.94 3.72 -14.83
C LEU A 88 17.43 3.55 -14.51
N ALA A 89 17.74 3.37 -13.22
CA ALA A 89 19.07 3.01 -12.77
C ALA A 89 19.43 1.65 -13.35
N GLU B 10 1.00 -21.67 6.02
CA GLU B 10 -0.08 -21.37 6.98
C GLU B 10 -0.20 -19.86 7.14
N GLY B 11 -1.17 -19.46 7.93
CA GLY B 11 -1.46 -18.08 8.16
C GLY B 11 -2.04 -17.90 9.55
N PHE B 12 -2.63 -16.73 9.78
CA PHE B 12 -3.14 -16.38 11.10
C PHE B 12 -4.48 -15.70 10.94
N GLN B 13 -5.24 -15.67 12.03
CA GLN B 13 -6.64 -15.32 12.01
C GLN B 13 -6.87 -14.14 12.92
N TYR B 14 -7.52 -13.12 12.38
CA TYR B 14 -7.87 -11.96 13.17
C TYR B 14 -9.40 -11.68 13.13
N ARG B 15 -9.89 -11.03 14.18
CA ARG B 15 -11.27 -10.56 14.20
C ARG B 15 -11.30 -9.05 14.35
N ALA B 16 -12.15 -8.42 13.57
CA ALA B 16 -12.25 -6.93 13.55
C ALA B 16 -13.09 -6.46 14.67
N LEU B 17 -12.66 -5.39 15.35
CA LEU B 17 -13.32 -4.90 16.53
C LEU B 17 -14.13 -3.67 16.17
N TYR B 18 -13.69 -2.97 15.12
CA TYR B 18 -14.34 -1.73 14.69
C TYR B 18 -14.63 -1.74 13.20
N PRO B 19 -15.59 -0.91 12.76
CA PRO B 19 -15.77 -0.75 11.30
C PRO B 19 -14.59 -0.01 10.64
N PHE B 20 -14.19 -0.41 9.45
CA PHE B 20 -13.16 0.33 8.71
C PHE B 20 -13.64 0.62 7.31
N ARG B 21 -13.88 1.90 7.00
CA ARG B 21 -14.24 2.28 5.62
C ARG B 21 -12.94 2.51 4.83
N ARG B 22 -12.86 1.89 3.65
CA ARG B 22 -11.69 2.06 2.76
C ARG B 22 -11.31 3.54 2.59
N GLU B 23 -9.99 3.76 2.63
CA GLU B 23 -9.40 5.05 2.42
C GLU B 23 -8.82 5.14 0.98
N ARG B 24 -8.36 4.00 0.50
CA ARG B 24 -7.59 3.87 -0.73
C ARG B 24 -8.05 2.65 -1.50
N PRO B 25 -7.95 2.71 -2.84
CA PRO B 25 -8.30 1.57 -3.69
C PRO B 25 -8.00 0.19 -3.10
N GLU B 26 -6.73 -0.13 -2.86
CA GLU B 26 -6.35 -1.48 -2.41
C GLU B 26 -6.84 -1.91 -1.01
N ASP B 27 -7.57 -1.03 -0.33
CA ASP B 27 -7.98 -1.18 1.09
C ASP B 27 -9.16 -2.13 1.30
N LEU B 28 -9.12 -2.86 2.40
CA LEU B 28 -10.16 -3.82 2.76
C LEU B 28 -11.15 -3.26 3.82
N GLU B 29 -12.44 -3.33 3.47
CA GLU B 29 -13.53 -2.90 4.34
C GLU B 29 -13.75 -3.84 5.56
N LEU B 30 -13.96 -3.26 6.74
CA LEU B 30 -14.20 -4.02 7.96
C LEU B 30 -15.48 -3.68 8.71
N LEU B 31 -16.20 -4.70 9.21
CA LEU B 31 -17.28 -4.55 10.22
C LEU B 31 -16.96 -5.38 11.46
N PRO B 32 -17.38 -4.90 12.65
CA PRO B 32 -17.19 -5.66 13.87
C PRO B 32 -17.58 -7.13 13.65
N GLY B 33 -16.64 -8.04 13.89
CA GLY B 33 -17.05 -9.45 13.87
C GLY B 33 -16.49 -10.20 12.68
N ASP B 34 -16.07 -9.44 11.67
CA ASP B 34 -15.37 -9.97 10.50
C ASP B 34 -14.09 -10.74 10.82
N VAL B 35 -13.97 -11.96 10.29
CA VAL B 35 -12.80 -12.82 10.53
C VAL B 35 -11.80 -12.78 9.34
N LEU B 36 -10.58 -12.35 9.62
CA LEU B 36 -9.60 -12.10 8.55
C LEU B 36 -8.45 -13.10 8.56
N VAL B 37 -8.03 -13.55 7.37
CA VAL B 37 -6.85 -14.39 7.28
C VAL B 37 -5.66 -13.74 6.53
N VAL B 38 -4.50 -13.79 7.20
CA VAL B 38 -3.22 -13.20 6.76
C VAL B 38 -2.16 -14.34 6.57
N SER B 39 -1.40 -14.28 5.48
CA SER B 39 -0.37 -15.29 5.27
C SER B 39 0.91 -14.94 6.02
N ARG B 40 1.56 -15.95 6.57
CA ARG B 40 2.91 -15.77 7.08
C ARG B 40 3.86 -15.10 6.10
N ALA B 41 3.83 -15.53 4.85
CA ALA B 41 4.73 -14.96 3.88
C ALA B 41 4.46 -13.46 3.70
N ALA B 42 3.18 -13.06 3.81
CA ALA B 42 2.86 -11.62 3.71
C ALA B 42 3.44 -10.86 4.91
N LEU B 43 3.39 -11.47 6.10
CA LEU B 43 4.01 -10.84 7.30
C LEU B 43 5.56 -10.76 7.12
N GLN B 44 6.14 -11.81 6.53
CA GLN B 44 7.58 -11.82 6.21
C GLN B 44 7.96 -10.74 5.23
N ALA B 45 7.14 -10.53 4.21
CA ALA B 45 7.42 -9.50 3.21
C ALA B 45 7.48 -8.12 3.89
N LEU B 46 6.77 -8.02 5.00
CA LEU B 46 6.73 -6.80 5.79
C LEU B 46 7.81 -6.85 6.87
N GLY B 47 8.58 -7.96 6.95
CA GLY B 47 9.64 -8.09 7.97
C GLY B 47 9.13 -8.07 9.41
N VAL B 48 7.94 -8.66 9.63
CA VAL B 48 7.43 -8.92 10.97
C VAL B 48 8.22 -10.14 11.51
N ALA B 49 8.88 -10.00 12.65
CA ALA B 49 9.62 -11.13 13.23
C ALA B 49 8.64 -12.22 13.73
N GLU B 50 9.10 -13.46 13.83
CA GLU B 50 8.24 -14.54 14.30
C GLU B 50 7.63 -14.16 15.66
N GLY B 51 6.31 -14.34 15.79
CA GLY B 51 5.58 -14.02 17.01
C GLY B 51 4.99 -12.62 16.99
N GLY B 52 5.48 -11.73 16.10
CA GLY B 52 4.97 -10.33 15.91
C GLY B 52 3.50 -10.26 15.44
N GLU B 53 3.02 -11.39 14.93
CA GLU B 53 1.58 -11.54 14.56
C GLU B 53 0.62 -11.41 15.75
N ARG B 54 1.13 -11.56 16.97
CA ARG B 54 0.30 -11.39 18.17
C ARG B 54 0.07 -9.93 18.49
N CYS B 55 0.80 -9.04 17.83
CA CYS B 55 0.61 -7.65 18.09
C CYS B 55 0.18 -7.02 16.81
N PRO B 56 -1.05 -7.38 16.31
CA PRO B 56 -1.40 -6.76 14.98
C PRO B 56 -1.25 -5.20 15.00
N GLN B 57 -1.49 -4.55 16.15
CA GLN B 57 -1.32 -3.09 16.27
C GLN B 57 0.14 -2.64 16.00
N SER B 58 1.11 -3.54 16.11
CA SER B 58 2.49 -3.13 15.78
C SER B 58 2.82 -3.38 14.34
N VAL B 59 2.26 -4.42 13.72
CA VAL B 59 2.40 -4.62 12.27
C VAL B 59 1.87 -3.37 11.53
N GLY B 60 0.84 -2.74 12.10
CA GLY B 60 0.36 -1.48 11.51
C GLY B 60 -0.73 -1.63 10.45
N TRP B 61 -0.33 -1.84 9.17
CA TRP B 61 -1.24 -2.17 8.08
C TRP B 61 -0.91 -3.55 7.53
N MET B 62 -1.92 -4.37 7.25
CA MET B 62 -1.71 -5.76 6.82
C MET B 62 -2.61 -6.07 5.62
N PRO B 63 -2.14 -6.86 4.63
CA PRO B 63 -3.08 -7.36 3.62
C PRO B 63 -3.75 -8.64 4.12
N GLY B 64 -5.07 -8.75 3.92
CA GLY B 64 -5.80 -9.95 4.32
C GLY B 64 -6.84 -10.45 3.33
N LEU B 65 -7.48 -11.57 3.65
CA LEU B 65 -8.67 -12.04 2.99
C LEU B 65 -9.81 -12.16 4.03
N ASN B 66 -10.99 -11.61 3.71
CA ASN B 66 -12.13 -11.44 4.63
C ASN B 66 -13.16 -12.49 4.26
N GLU B 67 -13.28 -13.50 5.13
CA GLU B 67 -14.06 -14.73 4.90
C GLU B 67 -15.53 -14.50 4.56
N ARG B 68 -16.17 -13.58 5.31
CA ARG B 68 -17.59 -13.20 5.10
C ARG B 68 -17.80 -12.83 3.63
N THR B 69 -16.85 -12.06 3.10
CA THR B 69 -16.98 -11.30 1.86
C THR B 69 -16.13 -11.78 0.63
N ARG B 70 -15.04 -12.52 0.88
CA ARG B 70 -14.06 -12.96 -0.15
C ARG B 70 -13.24 -11.79 -0.74
N GLN B 71 -13.54 -10.59 -0.27
CA GLN B 71 -12.71 -9.41 -0.46
C GLN B 71 -11.24 -9.67 0.02
N ARG B 72 -10.28 -9.10 -0.70
CA ARG B 72 -8.87 -9.08 -0.28
C ARG B 72 -8.50 -7.60 -0.21
N GLY B 73 -7.49 -7.24 0.61
CA GLY B 73 -7.10 -5.84 0.75
C GLY B 73 -6.29 -5.52 2.00
N ASP B 74 -5.90 -4.26 2.13
CA ASP B 74 -5.09 -3.84 3.30
C ASP B 74 -6.04 -3.35 4.38
N PHE B 75 -5.80 -3.77 5.63
CA PHE B 75 -6.60 -3.28 6.73
C PHE B 75 -5.64 -2.90 7.89
N PRO B 76 -6.05 -1.92 8.73
CA PRO B 76 -5.25 -1.52 9.91
C PRO B 76 -5.23 -2.60 10.99
N GLY B 77 -4.03 -2.96 11.44
CA GLY B 77 -3.85 -3.99 12.54
C GLY B 77 -4.48 -3.56 13.87
N THR B 78 -4.62 -2.25 14.02
CA THR B 78 -5.10 -1.71 15.24
C THR B 78 -6.63 -1.89 15.32
N TYR B 79 -7.27 -2.39 14.25
CA TYR B 79 -8.70 -2.57 14.24
C TYR B 79 -9.09 -3.97 14.49
N VAL B 80 -8.12 -4.84 14.68
CA VAL B 80 -8.44 -6.29 14.94
C VAL B 80 -7.84 -6.88 16.20
N GLU B 81 -8.27 -8.10 16.58
CA GLU B 81 -7.61 -8.79 17.64
C GLU B 81 -7.16 -10.13 17.09
N PHE B 82 -6.02 -10.58 17.61
CA PHE B 82 -5.45 -11.82 17.16
C PHE B 82 -6.28 -12.98 17.76
N LEU B 83 -6.74 -13.87 16.89
CA LEU B 83 -7.39 -15.11 17.33
C LEU B 83 -6.48 -16.32 17.50
N GLY B 84 -5.57 -16.52 16.56
CA GLY B 84 -4.81 -17.76 16.53
C GLY B 84 -4.42 -18.17 15.12
N PRO B 85 -3.52 -19.12 14.99
CA PRO B 85 -3.08 -19.58 13.68
C PRO B 85 -4.20 -20.29 12.98
N VAL B 86 -4.07 -20.52 11.69
CA VAL B 86 -5.12 -21.24 10.99
C VAL B 86 -4.57 -22.30 10.07
N ALA B 87 -5.46 -22.95 9.34
CA ALA B 87 -5.07 -23.93 8.34
C ALA B 87 -6.26 -24.48 7.59
#